data_5IH9
#
_entry.id   5IH9
#
_cell.length_a   58.043
_cell.length_b   67.697
_cell.length_c   104.355
_cell.angle_alpha   90.000
_cell.angle_beta   90.000
_cell.angle_gamma   90.000
#
_symmetry.space_group_name_H-M   'P 21 21 21'
#
loop_
_entity.id
_entity.type
_entity.pdbx_description
1 polymer 'Maternal embryonic leucine zipper kinase'
2 non-polymer 1-methyl-4-[4-(4-{3-[(piperidin-4-yl)methoxy]pyridin-4-yl}-1H-pyrazol-1-yl)phenyl]piperazine
3 water water
#
_entity_poly.entity_id   1
_entity_poly.type   'polypeptide(L)'
_entity_poly.pdbx_seq_one_letter_code
;MDYDELLKYYELHETIGTGGFAKVKLACHILTGEMVAIKIMDKNTLGSDLPRIKTEIEALKNLRHQHICQLYHVLETANK
IFMVLEYCPGGELFDYIISQDRLSEEETRVVFRQIVSAVAYVHSQGYAHRDLKPENLLFDEYHKLKLIDFGLCAKPKGNK
DYHLQTCCGSLAYAAPELIQGKSYLGSEADVWSMGILLYVLMCGFLPFDDDNVMALYKKIMRGKYDVPKWLSPSSILLLQ
QMLQVDPKKRISMKNLLNHPWIMQDYNYPVEWQSKNPFIHLDDDCVTELSVHHRNNRQTMEDLISLWQYDHLTATYLLLL
AKKARGKPVHHHHHH
;
_entity_poly.pdbx_strand_id   A
#
# COMPACT_ATOMS: atom_id res chain seq x y z
N MET A 1 -17.11 -17.74 20.09
CA MET A 1 -17.89 -16.76 19.35
C MET A 1 -17.08 -15.60 18.71
N ASP A 2 -15.83 -15.90 18.30
CA ASP A 2 -14.94 -14.92 17.66
C ASP A 2 -15.44 -14.34 16.32
N TYR A 3 -16.35 -15.05 15.63
CA TYR A 3 -16.87 -14.61 14.33
C TYR A 3 -18.31 -14.09 14.37
N ASP A 4 -18.96 -14.13 15.53
CA ASP A 4 -20.36 -13.71 15.71
C ASP A 4 -20.66 -12.32 15.18
N GLU A 5 -19.95 -11.29 15.68
CA GLU A 5 -20.18 -9.92 15.21
C GLU A 5 -19.89 -9.77 13.70
N LEU A 6 -18.79 -10.37 13.21
CA LEU A 6 -18.38 -10.32 11.81
C LEU A 6 -19.46 -10.90 10.90
N LEU A 7 -20.05 -12.02 11.31
CA LEU A 7 -21.10 -12.71 10.55
C LEU A 7 -22.42 -11.95 10.44
N LYS A 8 -22.60 -10.87 11.24
CA LYS A 8 -23.77 -10.00 11.14
C LYS A 8 -23.66 -9.14 9.88
N TYR A 9 -22.41 -8.85 9.43
CA TYR A 9 -22.15 -7.92 8.33
C TYR A 9 -21.58 -8.53 7.06
N TYR A 10 -20.89 -9.69 7.19
CA TYR A 10 -20.18 -10.31 6.05
C TYR A 10 -20.49 -11.76 5.87
N GLU A 11 -20.48 -12.23 4.61
CA GLU A 11 -20.66 -13.65 4.31
C GLU A 11 -19.27 -14.12 3.95
N LEU A 12 -18.72 -15.06 4.72
CA LEU A 12 -17.33 -15.47 4.49
C LEU A 12 -17.11 -16.37 3.30
N HIS A 13 -16.03 -16.10 2.57
CA HIS A 13 -15.63 -16.92 1.44
C HIS A 13 -14.38 -17.70 1.92
N GLU A 14 -13.39 -17.92 1.05
CA GLU A 14 -12.22 -18.71 1.41
C GLU A 14 -11.07 -17.95 2.03
N THR A 15 -10.21 -18.69 2.73
CA THR A 15 -8.96 -18.15 3.27
C THR A 15 -7.98 -18.24 2.11
N ILE A 16 -7.23 -17.19 1.90
CA ILE A 16 -6.21 -17.25 0.85
C ILE A 16 -4.86 -17.51 1.51
N GLY A 17 -3.95 -18.17 0.78
CA GLY A 17 -2.60 -18.48 1.26
C GLY A 17 -1.82 -17.22 1.59
N THR A 18 -1.28 -17.15 2.82
CA THR A 18 -0.51 -15.99 3.32
C THR A 18 0.69 -16.51 4.12
N GLY A 19 1.42 -15.59 4.75
CA GLY A 19 2.55 -15.89 5.61
C GLY A 19 2.87 -14.77 6.58
N GLY A 20 2.60 -15.01 7.87
CA GLY A 20 2.92 -14.02 8.90
C GLY A 20 1.99 -13.89 10.09
N PHE A 21 1.89 -12.66 10.59
CA PHE A 21 1.08 -12.23 11.73
C PHE A 21 -0.42 -12.41 11.50
N ALA A 22 -0.85 -12.51 10.22
CA ALA A 22 -2.26 -12.55 9.91
C ALA A 22 -2.72 -13.52 8.84
N LYS A 23 -3.97 -13.97 8.97
CA LYS A 23 -4.66 -14.78 7.97
C LYS A 23 -5.47 -13.78 7.15
N VAL A 24 -5.74 -14.10 5.89
CA VAL A 24 -6.58 -13.23 5.05
C VAL A 24 -7.71 -14.08 4.52
N LYS A 25 -8.95 -13.65 4.78
CA LYS A 25 -10.13 -14.36 4.30
C LYS A 25 -10.92 -13.46 3.35
N LEU A 26 -11.38 -14.01 2.24
CA LEU A 26 -12.23 -13.22 1.34
C LEU A 26 -13.65 -13.27 1.84
N ALA A 27 -14.43 -12.22 1.55
CA ALA A 27 -15.81 -12.17 2.02
C ALA A 27 -16.58 -11.19 1.19
N CYS A 28 -17.88 -11.17 1.41
CA CYS A 28 -18.69 -10.15 0.75
CA CYS A 28 -18.82 -10.29 0.74
C CYS A 28 -19.54 -9.45 1.80
N HIS A 29 -19.67 -8.14 1.63
CA HIS A 29 -20.42 -7.29 2.56
C HIS A 29 -21.90 -7.50 2.27
N ILE A 30 -22.67 -7.98 3.27
CA ILE A 30 -24.08 -8.35 3.09
C ILE A 30 -24.93 -7.23 2.45
N LEU A 31 -24.91 -6.05 3.04
CA LEU A 31 -25.76 -4.93 2.60
C LEU A 31 -25.54 -4.48 1.15
N THR A 32 -24.27 -4.42 0.70
CA THR A 32 -23.94 -3.95 -0.65
C THR A 32 -23.69 -5.03 -1.70
N GLY A 33 -23.29 -6.23 -1.25
CA GLY A 33 -22.86 -7.32 -2.11
C GLY A 33 -21.40 -7.17 -2.56
N GLU A 34 -20.68 -6.15 -2.03
CA GLU A 34 -19.29 -5.91 -2.43
C GLU A 34 -18.31 -6.89 -1.83
N MET A 35 -17.34 -7.35 -2.64
CA MET A 35 -16.28 -8.23 -2.14
C MET A 35 -15.30 -7.40 -1.32
N VAL A 36 -14.73 -8.03 -0.28
CA VAL A 36 -13.75 -7.41 0.61
C VAL A 36 -12.71 -8.47 0.93
N ALA A 37 -11.59 -8.02 1.50
CA ALA A 37 -10.58 -8.93 2.02
C ALA A 37 -10.56 -8.63 3.52
N ILE A 38 -10.51 -9.67 4.32
CA ILE A 38 -10.48 -9.50 5.77
C ILE A 38 -9.19 -10.06 6.32
N LYS A 39 -8.40 -9.20 6.95
CA LYS A 39 -7.14 -9.59 7.61
C LYS A 39 -7.50 -9.93 9.07
N ILE A 40 -7.15 -11.13 9.51
CA ILE A 40 -7.52 -11.63 10.83
C ILE A 40 -6.28 -11.92 11.65
N MET A 41 -6.16 -11.30 12.84
CA MET A 41 -5.04 -11.51 13.74
C MET A 41 -5.53 -12.14 15.05
N ASP A 42 -4.93 -13.26 15.45
CA ASP A 42 -5.21 -13.96 16.70
C ASP A 42 -4.38 -13.26 17.78
N LYS A 43 -5.06 -12.60 18.73
CA LYS A 43 -4.48 -11.76 19.81
C LYS A 43 -3.40 -12.37 20.68
N ASN A 44 -3.50 -13.67 20.99
CA ASN A 44 -2.57 -14.38 21.87
C ASN A 44 -1.46 -15.13 21.11
N THR A 45 -1.32 -14.87 19.79
CA THR A 45 -0.30 -15.46 18.94
C THR A 45 0.43 -14.36 18.14
N LEU A 50 0.60 -7.83 18.64
CA LEU A 50 -0.38 -6.77 18.92
C LEU A 50 0.05 -5.33 18.53
N PRO A 51 1.29 -4.84 18.86
CA PRO A 51 1.65 -3.45 18.47
C PRO A 51 1.59 -3.16 16.97
N ARG A 52 2.09 -4.08 16.13
CA ARG A 52 2.12 -3.99 14.67
C ARG A 52 0.70 -3.77 14.09
N ILE A 53 -0.29 -4.47 14.66
CA ILE A 53 -1.70 -4.39 14.29
C ILE A 53 -2.24 -2.99 14.61
N LYS A 54 -1.98 -2.52 15.83
CA LYS A 54 -2.42 -1.21 16.29
C LYS A 54 -1.78 -0.07 15.50
N THR A 55 -0.50 -0.24 15.08
CA THR A 55 0.19 0.79 14.29
C THR A 55 -0.43 0.87 12.91
N GLU A 56 -0.70 -0.30 12.30
CA GLU A 56 -1.32 -0.34 10.98
C GLU A 56 -2.71 0.28 11.00
N ILE A 57 -3.53 -0.05 12.02
CA ILE A 57 -4.90 0.50 12.13
C ILE A 57 -4.89 2.02 12.28
N GLU A 58 -4.08 2.56 13.21
CA GLU A 58 -3.96 4.01 13.41
C GLU A 58 -3.55 4.72 12.12
N ALA A 59 -2.57 4.18 11.38
CA ALA A 59 -2.12 4.79 10.10
C ALA A 59 -3.23 4.76 9.04
N LEU A 60 -3.86 3.59 8.84
CA LEU A 60 -4.90 3.46 7.83
C LEU A 60 -6.17 4.27 8.13
N LYS A 61 -6.40 4.60 9.39
CA LYS A 61 -7.57 5.44 9.73
C LYS A 61 -7.29 6.85 9.25
N ASN A 62 -5.99 7.22 9.17
CA ASN A 62 -5.53 8.55 8.77
C ASN A 62 -5.13 8.72 7.33
N LEU A 63 -4.93 7.63 6.64
CA LEU A 63 -4.52 7.64 5.24
C LEU A 63 -5.69 7.21 4.40
N ARG A 64 -5.92 7.90 3.28
CA ARG A 64 -7.03 7.59 2.38
C ARG A 64 -6.62 8.06 1.00
N HIS A 65 -6.36 7.12 0.09
CA HIS A 65 -5.79 7.45 -1.20
C HIS A 65 -6.06 6.37 -2.22
N GLN A 66 -6.15 6.78 -3.50
CA GLN A 66 -6.41 5.93 -4.69
C GLN A 66 -5.37 4.79 -4.87
N HIS A 67 -4.14 4.96 -4.31
CA HIS A 67 -3.11 3.90 -4.38
C HIS A 67 -2.76 3.28 -3.03
N ILE A 68 -3.68 3.40 -2.06
CA ILE A 68 -3.51 2.76 -0.74
C ILE A 68 -4.72 1.85 -0.51
N CYS A 69 -4.47 0.57 -0.22
CA CYS A 69 -5.58 -0.36 0.04
C CYS A 69 -6.39 0.15 1.22
N GLN A 70 -7.66 0.45 0.97
CA GLN A 70 -8.55 1.12 1.92
C GLN A 70 -9.02 0.29 3.10
N LEU A 71 -8.93 0.87 4.31
CA LEU A 71 -9.48 0.24 5.52
C LEU A 71 -10.96 0.62 5.59
N TYR A 72 -11.83 -0.39 5.68
CA TYR A 72 -13.27 -0.13 5.76
C TYR A 72 -13.84 -0.25 7.17
N HIS A 73 -13.34 -1.23 7.93
CA HIS A 73 -13.98 -1.64 9.18
C HIS A 73 -13.02 -2.40 10.05
N VAL A 74 -12.97 -2.05 11.34
CA VAL A 74 -12.16 -2.74 12.37
C VAL A 74 -13.14 -3.33 13.38
N LEU A 75 -12.99 -4.62 13.67
CA LEU A 75 -13.80 -5.33 14.66
C LEU A 75 -12.83 -6.02 15.61
N GLU A 76 -13.20 -6.11 16.88
CA GLU A 76 -12.32 -6.73 17.87
C GLU A 76 -13.12 -7.57 18.86
N THR A 77 -12.59 -8.75 19.19
CA THR A 77 -13.11 -9.68 20.20
C THR A 77 -11.98 -9.84 21.23
N ALA A 78 -12.13 -10.75 22.21
CA ALA A 78 -11.07 -10.97 23.19
C ALA A 78 -9.93 -11.76 22.58
N ASN A 79 -10.21 -12.52 21.51
CA ASN A 79 -9.20 -13.34 20.86
C ASN A 79 -8.72 -12.83 19.51
N LYS A 80 -9.52 -12.04 18.80
CA LYS A 80 -9.15 -11.59 17.46
C LYS A 80 -9.38 -10.11 17.18
N ILE A 81 -8.64 -9.60 16.18
CA ILE A 81 -8.82 -8.28 15.57
C ILE A 81 -9.07 -8.56 14.08
N PHE A 82 -10.12 -7.97 13.52
CA PHE A 82 -10.46 -8.11 12.11
C PHE A 82 -10.29 -6.77 11.41
N MET A 83 -9.63 -6.74 10.25
CA MET A 83 -9.52 -5.52 9.46
C MET A 83 -10.15 -5.82 8.11
N VAL A 84 -11.26 -5.13 7.79
CA VAL A 84 -11.95 -5.33 6.51
C VAL A 84 -11.33 -4.33 5.55
N LEU A 85 -10.79 -4.84 4.44
CA LEU A 85 -10.02 -4.04 3.50
C LEU A 85 -10.50 -4.12 2.07
N GLU A 86 -10.05 -3.16 1.25
CA GLU A 86 -10.32 -3.07 -0.19
C GLU A 86 -9.88 -4.33 -0.93
N TYR A 87 -10.76 -4.86 -1.75
CA TYR A 87 -10.59 -6.10 -2.54
C TYR A 87 -9.64 -5.84 -3.71
N CYS A 88 -8.52 -6.57 -3.74
CA CYS A 88 -7.46 -6.41 -4.76
C CYS A 88 -7.22 -7.77 -5.43
N PRO A 89 -8.07 -8.14 -6.41
CA PRO A 89 -7.97 -9.50 -7.00
C PRO A 89 -6.87 -9.73 -8.03
N GLY A 90 -6.15 -8.67 -8.42
CA GLY A 90 -5.10 -8.76 -9.44
C GLY A 90 -3.78 -9.31 -8.96
N GLY A 91 -3.66 -9.60 -7.66
CA GLY A 91 -2.45 -10.22 -7.10
C GLY A 91 -1.32 -9.26 -6.80
N GLU A 92 -0.21 -9.81 -6.26
CA GLU A 92 0.95 -8.99 -5.88
C GLU A 92 1.71 -8.55 -7.11
N LEU A 93 2.34 -7.40 -7.01
CA LEU A 93 3.20 -6.89 -8.06
C LEU A 93 4.40 -7.85 -8.21
N PHE A 94 4.84 -8.49 -7.10
CA PHE A 94 5.93 -9.45 -7.11
C PHE A 94 5.60 -10.58 -8.11
N ASP A 95 4.38 -11.15 -8.01
CA ASP A 95 3.99 -12.25 -8.90
C ASP A 95 3.80 -11.77 -10.35
N TYR A 96 3.35 -10.54 -10.53
CA TYR A 96 3.18 -9.95 -11.85
C TYR A 96 4.53 -9.80 -12.59
N ILE A 97 5.56 -9.26 -11.91
CA ILE A 97 6.90 -9.09 -12.52
C ILE A 97 7.42 -10.47 -12.97
N ILE A 98 7.33 -11.49 -12.10
CA ILE A 98 7.81 -12.86 -12.43
C ILE A 98 7.05 -13.39 -13.66
N SER A 99 5.71 -13.24 -13.71
CA SER A 99 4.90 -13.70 -14.83
C SER A 99 5.34 -13.06 -16.16
N GLN A 100 5.88 -11.82 -16.10
CA GLN A 100 6.34 -11.10 -17.30
C GLN A 100 7.83 -11.23 -17.55
N ASP A 101 8.56 -11.89 -16.63
CA ASP A 101 10.04 -12.00 -16.55
C ASP A 101 10.59 -10.67 -16.00
N ARG A 102 10.34 -9.59 -16.76
CA ARG A 102 10.69 -8.21 -16.40
C ARG A 102 9.76 -7.27 -17.17
N LEU A 103 9.63 -6.03 -16.70
CA LEU A 103 8.77 -5.08 -17.40
C LEU A 103 9.64 -4.16 -18.24
N SER A 104 9.07 -3.70 -19.38
CA SER A 104 9.75 -2.75 -20.25
C SER A 104 9.85 -1.46 -19.46
N GLU A 105 10.71 -0.53 -19.93
CA GLU A 105 10.81 0.77 -19.28
C GLU A 105 9.43 1.46 -19.21
N GLU A 106 8.65 1.38 -20.31
CA GLU A 106 7.34 2.01 -20.43
C GLU A 106 6.34 1.44 -19.43
N GLU A 107 6.27 0.11 -19.31
CA GLU A 107 5.33 -0.49 -18.37
C GLU A 107 5.81 -0.29 -16.93
N THR A 108 7.12 -0.22 -16.73
CA THR A 108 7.67 0.06 -15.39
C THR A 108 7.23 1.47 -15.00
N ARG A 109 7.31 2.43 -15.94
CA ARG A 109 6.91 3.80 -15.63
C ARG A 109 5.43 3.91 -15.25
N VAL A 110 4.55 3.14 -15.94
CA VAL A 110 3.11 3.08 -15.64
C VAL A 110 2.93 2.70 -14.16
N VAL A 111 3.59 1.61 -13.74
CA VAL A 111 3.51 1.05 -12.40
C VAL A 111 4.21 1.95 -11.37
N PHE A 112 5.41 2.40 -11.70
CA PHE A 112 6.23 3.19 -10.78
C PHE A 112 5.61 4.54 -10.41
N ARG A 113 4.95 5.21 -11.37
CA ARG A 113 4.30 6.48 -11.06
C ARG A 113 3.17 6.27 -10.02
N GLN A 114 2.56 5.08 -9.99
CA GLN A 114 1.50 4.78 -9.00
C GLN A 114 2.12 4.61 -7.62
N ILE A 115 3.28 3.98 -7.55
CA ILE A 115 4.00 3.78 -6.29
C ILE A 115 4.44 5.14 -5.75
N VAL A 116 5.00 6.00 -6.61
CA VAL A 116 5.45 7.35 -6.24
C VAL A 116 4.23 8.14 -5.69
N SER A 117 3.09 8.04 -6.38
CA SER A 117 1.86 8.72 -5.96
C SER A 117 1.51 8.32 -4.51
N ALA A 118 1.44 7.02 -4.22
CA ALA A 118 1.11 6.53 -2.87
C ALA A 118 2.13 6.96 -1.83
N VAL A 119 3.42 6.75 -2.10
CA VAL A 119 4.48 7.03 -1.12
C VAL A 119 4.61 8.52 -0.84
N ALA A 120 4.51 9.36 -1.89
CA ALA A 120 4.58 10.81 -1.69
C ALA A 120 3.43 11.26 -0.77
N TYR A 121 2.24 10.66 -0.95
CA TYR A 121 1.08 11.01 -0.14
C TYR A 121 1.32 10.58 1.32
N VAL A 122 1.84 9.36 1.52
CA VAL A 122 2.16 8.85 2.87
C VAL A 122 3.10 9.84 3.56
N HIS A 123 4.18 10.29 2.87
CA HIS A 123 5.10 11.27 3.48
C HIS A 123 4.41 12.61 3.76
N SER A 124 3.53 13.03 2.85
CA SER A 124 2.77 14.29 3.03
C SER A 124 1.90 14.27 4.30
N GLN A 125 1.48 13.05 4.73
CA GLN A 125 0.64 12.87 5.93
C GLN A 125 1.44 12.69 7.24
N GLY A 126 2.76 12.71 7.15
CA GLY A 126 3.65 12.61 8.31
C GLY A 126 4.11 11.20 8.62
N TYR A 127 3.94 10.28 7.67
CA TYR A 127 4.33 8.88 7.85
C TYR A 127 5.47 8.46 6.90
N ALA A 128 6.06 7.30 7.20
CA ALA A 128 7.02 6.61 6.33
C ALA A 128 6.54 5.15 6.37
N HIS A 129 6.51 4.47 5.21
CA HIS A 129 6.00 3.08 5.16
C HIS A 129 7.00 2.11 5.82
N ARG A 130 8.28 2.22 5.43
CA ARG A 130 9.40 1.42 5.97
C ARG A 130 9.47 -0.05 5.54
N ASP A 131 8.52 -0.53 4.73
CA ASP A 131 8.58 -1.92 4.28
C ASP A 131 8.10 -2.03 2.84
N LEU A 132 8.54 -1.10 2.01
CA LEU A 132 8.20 -1.07 0.59
C LEU A 132 8.92 -2.21 -0.13
N LYS A 133 8.14 -3.02 -0.85
CA LYS A 133 8.60 -4.21 -1.58
C LYS A 133 7.43 -4.66 -2.48
N PRO A 134 7.69 -5.41 -3.57
CA PRO A 134 6.58 -5.75 -4.49
C PRO A 134 5.50 -6.66 -3.92
N GLU A 135 5.78 -7.39 -2.81
CA GLU A 135 4.78 -8.21 -2.12
C GLU A 135 3.74 -7.28 -1.43
N ASN A 136 4.13 -6.01 -1.14
CA ASN A 136 3.27 -5.05 -0.49
C ASN A 136 2.50 -4.11 -1.44
N LEU A 137 2.41 -4.48 -2.72
CA LEU A 137 1.67 -3.72 -3.72
C LEU A 137 0.80 -4.70 -4.47
N LEU A 138 -0.52 -4.51 -4.35
CA LEU A 138 -1.50 -5.39 -4.97
C LEU A 138 -2.27 -4.70 -6.07
N PHE A 139 -2.64 -5.45 -7.11
CA PHE A 139 -3.44 -4.89 -8.21
C PHE A 139 -4.95 -5.06 -7.91
N ASP A 140 -5.73 -4.03 -8.15
CA ASP A 140 -7.18 -4.11 -7.98
C ASP A 140 -7.83 -4.57 -9.29
N GLU A 141 -9.17 -4.58 -9.35
CA GLU A 141 -9.91 -5.05 -10.53
C GLU A 141 -9.68 -4.17 -11.75
N TYR A 142 -9.17 -2.95 -11.56
CA TYR A 142 -8.93 -1.98 -12.64
C TYR A 142 -7.45 -1.98 -13.04
N HIS A 143 -6.67 -2.94 -12.52
CA HIS A 143 -5.23 -3.13 -12.77
C HIS A 143 -4.43 -1.93 -12.21
N LYS A 144 -4.97 -1.30 -11.13
CA LYS A 144 -4.28 -0.19 -10.45
C LYS A 144 -3.67 -0.70 -9.16
N LEU A 145 -2.55 -0.12 -8.78
CA LEU A 145 -1.83 -0.60 -7.60
C LEU A 145 -2.38 -0.04 -6.30
N LYS A 146 -2.27 -0.84 -5.24
CA LYS A 146 -2.73 -0.53 -3.88
C LYS A 146 -1.67 -0.97 -2.89
N LEU A 147 -1.14 0.01 -2.14
CA LEU A 147 -0.09 -0.24 -1.15
C LEU A 147 -0.70 -0.85 0.11
N ILE A 148 -0.10 -1.92 0.61
CA ILE A 148 -0.58 -2.62 1.80
C ILE A 148 0.51 -2.69 2.87
N ASP A 149 0.12 -3.24 4.02
CA ASP A 149 0.94 -3.53 5.19
C ASP A 149 1.64 -2.33 5.78
N PHE A 150 0.87 -1.56 6.56
CA PHE A 150 1.41 -0.39 7.28
C PHE A 150 1.80 -0.71 8.72
N GLY A 151 2.05 -1.99 9.03
CA GLY A 151 2.40 -2.43 10.38
C GLY A 151 3.75 -1.96 10.90
N LEU A 152 4.69 -1.68 9.98
CA LEU A 152 6.03 -1.21 10.34
C LEU A 152 6.19 0.29 10.09
N CYS A 153 5.09 1.00 9.82
CA CYS A 153 5.18 2.42 9.52
C CYS A 153 5.57 3.27 10.73
N ALA A 154 6.19 4.42 10.47
CA ALA A 154 6.65 5.37 11.50
C ALA A 154 6.00 6.72 11.31
N LYS A 155 5.79 7.48 12.41
CA LYS A 155 5.23 8.84 12.40
C LYS A 155 6.32 9.92 12.55
N SER A 170 12.59 -8.82 4.38
CA SER A 170 12.60 -7.41 3.99
C SER A 170 14.05 -6.85 3.87
N LEU A 171 15.08 -7.65 4.22
CA LEU A 171 16.48 -7.22 4.14
C LEU A 171 16.88 -6.73 2.75
N ALA A 172 16.49 -7.44 1.68
CA ALA A 172 16.84 -7.04 0.31
C ALA A 172 16.40 -5.60 -0.06
N TYR A 173 15.32 -5.11 0.58
CA TYR A 173 14.76 -3.77 0.30
C TYR A 173 15.16 -2.72 1.32
N ALA A 174 15.85 -3.12 2.40
CA ALA A 174 16.20 -2.23 3.50
C ALA A 174 17.43 -1.37 3.22
N ALA A 175 17.33 -0.07 3.52
CA ALA A 175 18.43 0.87 3.34
C ALA A 175 19.62 0.51 4.24
N PRO A 176 20.86 0.78 3.78
CA PRO A 176 22.04 0.41 4.59
C PRO A 176 22.02 0.94 6.03
N GLU A 177 21.52 2.17 6.24
CA GLU A 177 21.50 2.74 7.59
C GLU A 177 20.49 2.03 8.51
N LEU A 178 19.36 1.58 7.92
CA LEU A 178 18.28 0.89 8.62
C LEU A 178 18.78 -0.44 9.17
N ILE A 179 19.51 -1.22 8.32
CA ILE A 179 20.04 -2.52 8.72
C ILE A 179 21.02 -2.37 9.87
N GLN A 180 21.94 -1.38 9.72
CA GLN A 180 23.01 -1.07 10.67
C GLN A 180 22.53 -0.57 12.04
N GLY A 181 21.23 -0.38 12.19
CA GLY A 181 20.58 0.09 13.42
C GLY A 181 20.96 1.52 13.77
N LYS A 182 21.27 2.31 12.73
CA LYS A 182 21.68 3.72 12.88
C LYS A 182 20.44 4.56 12.82
N SER A 183 20.54 5.84 13.22
CA SER A 183 19.41 6.75 13.16
CA SER A 183 19.41 6.75 13.16
C SER A 183 19.13 7.02 11.69
N TYR A 184 17.85 7.19 11.34
CA TYR A 184 17.52 7.43 9.95
C TYR A 184 16.22 8.17 9.85
N LEU A 185 15.95 8.71 8.66
CA LEU A 185 14.68 9.35 8.35
C LEU A 185 13.91 8.33 7.54
N GLY A 186 12.69 8.05 7.97
CA GLY A 186 11.85 7.09 7.29
C GLY A 186 11.70 7.41 5.81
N SER A 187 11.59 8.73 5.49
CA SER A 187 11.41 9.12 4.09
C SER A 187 12.59 8.69 3.22
N GLU A 188 13.83 8.81 3.74
CA GLU A 188 15.05 8.41 3.02
C GLU A 188 15.11 6.90 2.86
N ALA A 189 14.70 6.15 3.89
CA ALA A 189 14.64 4.68 3.81
C ALA A 189 13.63 4.28 2.73
N ASP A 190 12.47 4.95 2.65
CA ASP A 190 11.48 4.65 1.60
C ASP A 190 12.04 4.93 0.21
N VAL A 191 12.81 6.02 0.03
CA VAL A 191 13.35 6.33 -1.30
C VAL A 191 14.33 5.22 -1.72
N TRP A 192 15.17 4.74 -0.78
CA TRP A 192 16.06 3.63 -1.10
C TRP A 192 15.24 2.41 -1.56
N SER A 193 14.22 2.01 -0.77
CA SER A 193 13.41 0.83 -1.08
C SER A 193 12.74 1.01 -2.44
N MET A 194 12.33 2.24 -2.77
CA MET A 194 11.72 2.51 -4.10
C MET A 194 12.75 2.30 -5.26
N GLY A 195 14.02 2.60 -4.98
CA GLY A 195 15.12 2.35 -5.92
C GLY A 195 15.28 0.87 -6.17
N ILE A 196 15.19 0.04 -5.09
CA ILE A 196 15.27 -1.42 -5.24
C ILE A 196 14.08 -1.89 -6.09
N LEU A 197 12.87 -1.38 -5.79
CA LEU A 197 11.64 -1.71 -6.54
C LEU A 197 11.80 -1.36 -8.03
N LEU A 198 12.33 -0.16 -8.34
CA LEU A 198 12.53 0.29 -9.72
C LEU A 198 13.46 -0.72 -10.46
N TYR A 199 14.53 -1.13 -9.79
CA TYR A 199 15.47 -2.09 -10.36
C TYR A 199 14.77 -3.42 -10.64
N VAL A 200 14.03 -3.95 -9.66
CA VAL A 200 13.35 -5.24 -9.80
C VAL A 200 12.32 -5.15 -10.95
N LEU A 201 11.60 -4.02 -11.04
CA LEU A 201 10.62 -3.90 -12.13
C LEU A 201 11.28 -4.04 -13.50
N MET A 202 12.44 -3.38 -13.70
CA MET A 202 13.08 -3.38 -15.01
C MET A 202 13.99 -4.54 -15.28
N CYS A 203 14.41 -5.27 -14.23
CA CYS A 203 15.37 -6.38 -14.36
C CYS A 203 14.78 -7.76 -14.09
N GLY A 204 13.82 -7.85 -13.19
CA GLY A 204 13.19 -9.12 -12.81
C GLY A 204 14.01 -9.89 -11.78
N PHE A 205 15.01 -9.22 -11.19
CA PHE A 205 15.86 -9.80 -10.13
C PHE A 205 16.36 -8.64 -9.25
N LEU A 206 16.83 -8.96 -8.04
CA LEU A 206 17.29 -7.93 -7.09
C LEU A 206 18.68 -7.39 -7.45
N PRO A 207 18.95 -6.10 -7.12
CA PRO A 207 20.30 -5.54 -7.34
C PRO A 207 21.30 -6.09 -6.31
N PHE A 208 20.84 -6.40 -5.10
CA PHE A 208 21.68 -7.00 -4.02
C PHE A 208 20.99 -8.29 -3.61
N ASP A 209 21.69 -9.42 -3.79
CA ASP A 209 21.09 -10.70 -3.53
C ASP A 209 22.15 -11.70 -3.17
N ASP A 210 21.84 -12.55 -2.16
CA ASP A 210 22.75 -13.61 -1.74
C ASP A 210 21.96 -14.57 -0.86
N ASP A 211 22.27 -15.86 -0.98
CA ASP A 211 21.65 -16.91 -0.15
C ASP A 211 22.10 -16.75 1.31
N ASN A 212 23.30 -16.18 1.53
CA ASN A 212 23.79 -15.97 2.92
C ASN A 212 23.46 -14.57 3.37
N VAL A 213 22.83 -14.45 4.55
CA VAL A 213 22.37 -13.13 5.08
C VAL A 213 23.53 -12.13 5.29
N MET A 214 24.70 -12.64 5.75
CA MET A 214 25.87 -11.78 5.99
C MET A 214 26.47 -11.24 4.70
N ALA A 215 26.50 -12.08 3.65
CA ALA A 215 27.03 -11.64 2.36
C ALA A 215 26.05 -10.67 1.71
N LEU A 216 24.72 -10.83 1.96
CA LEU A 216 23.73 -9.87 1.44
C LEU A 216 23.93 -8.50 2.15
N TYR A 217 24.09 -8.55 3.48
CA TYR A 217 24.32 -7.35 4.31
C TYR A 217 25.55 -6.59 3.75
N LYS A 218 26.65 -7.31 3.44
CA LYS A 218 27.87 -6.74 2.88
C LYS A 218 27.58 -6.08 1.52
N LYS A 219 26.87 -6.80 0.64
CA LYS A 219 26.52 -6.26 -0.69
C LYS A 219 25.72 -4.97 -0.59
N ILE A 220 24.73 -4.92 0.33
CA ILE A 220 23.89 -3.70 0.51
C ILE A 220 24.74 -2.51 0.95
N MET A 221 25.60 -2.72 1.96
CA MET A 221 26.46 -1.65 2.46
C MET A 221 27.45 -1.12 1.44
N ARG A 222 27.93 -2.00 0.55
CA ARG A 222 28.86 -1.63 -0.51
C ARG A 222 28.12 -0.80 -1.59
N GLY A 223 26.85 -1.12 -1.83
CA GLY A 223 25.99 -0.37 -2.76
C GLY A 223 26.31 -0.57 -4.23
N LYS A 224 27.12 -1.59 -4.56
CA LYS A 224 27.49 -1.88 -5.95
C LYS A 224 26.56 -2.93 -6.55
N TYR A 225 26.09 -2.68 -7.78
CA TYR A 225 25.18 -3.63 -8.45
C TYR A 225 25.43 -3.70 -9.95
N ASP A 226 25.04 -4.82 -10.57
CA ASP A 226 25.17 -5.00 -12.02
C ASP A 226 24.13 -4.14 -12.73
N VAL A 227 24.54 -3.57 -13.86
CA VAL A 227 23.70 -2.69 -14.66
C VAL A 227 23.42 -3.46 -15.98
N PRO A 228 22.32 -4.22 -16.11
CA PRO A 228 22.08 -4.98 -17.36
C PRO A 228 22.06 -4.10 -18.62
N LYS A 229 22.45 -4.69 -19.78
CA LYS A 229 22.55 -3.99 -21.08
C LYS A 229 21.23 -3.40 -21.56
N TRP A 230 20.09 -3.98 -21.13
CA TRP A 230 18.77 -3.49 -21.54
C TRP A 230 18.29 -2.20 -20.85
N LEU A 231 19.02 -1.72 -19.83
CA LEU A 231 18.62 -0.49 -19.14
C LEU A 231 19.08 0.72 -19.94
N SER A 232 18.18 1.71 -20.12
CA SER A 232 18.47 2.93 -20.84
C SER A 232 19.37 3.85 -19.97
N PRO A 233 20.13 4.80 -20.56
CA PRO A 233 20.92 5.71 -19.72
C PRO A 233 20.09 6.48 -18.69
N SER A 234 18.84 6.90 -19.05
CA SER A 234 17.98 7.64 -18.13
CA SER A 234 17.96 7.64 -18.15
C SER A 234 17.59 6.75 -16.95
N SER A 235 17.26 5.46 -17.23
CA SER A 235 16.90 4.51 -16.15
C SER A 235 18.07 4.33 -15.18
N ILE A 236 19.30 4.23 -15.72
CA ILE A 236 20.55 4.05 -14.94
C ILE A 236 20.79 5.27 -14.03
N LEU A 237 20.61 6.49 -14.58
CA LEU A 237 20.77 7.72 -13.82
C LEU A 237 19.74 7.79 -12.68
N LEU A 238 18.47 7.44 -12.94
CA LEU A 238 17.49 7.49 -11.87
C LEU A 238 17.84 6.49 -10.77
N LEU A 239 18.29 5.30 -11.19
CA LEU A 239 18.70 4.28 -10.19
C LEU A 239 19.84 4.80 -9.32
N GLN A 240 20.79 5.54 -9.92
CA GLN A 240 21.94 6.11 -9.21
C GLN A 240 21.49 7.15 -8.19
N GLN A 241 20.45 7.92 -8.52
CA GLN A 241 19.91 8.95 -7.63
C GLN A 241 19.13 8.43 -6.44
N MET A 242 18.56 7.22 -6.53
CA MET A 242 17.77 6.62 -5.47
C MET A 242 18.63 5.72 -4.62
N LEU A 243 19.49 4.91 -5.25
CA LEU A 243 20.36 3.95 -4.60
C LEU A 243 21.69 4.55 -4.21
N GLN A 244 21.63 5.52 -3.30
CA GLN A 244 22.84 6.15 -2.76
C GLN A 244 22.96 5.61 -1.35
N VAL A 245 24.13 5.04 -1.01
CA VAL A 245 24.35 4.50 0.35
C VAL A 245 24.23 5.63 1.38
N ASP A 246 24.73 6.85 1.06
CA ASP A 246 24.61 8.01 1.94
C ASP A 246 23.18 8.54 1.80
N PRO A 247 22.34 8.45 2.86
CA PRO A 247 20.93 8.86 2.73
C PRO A 247 20.73 10.33 2.38
N LYS A 248 21.72 11.17 2.69
CA LYS A 248 21.64 12.59 2.38
C LYS A 248 21.88 12.84 0.88
N LYS A 249 22.44 11.87 0.16
CA LYS A 249 22.68 12.00 -1.27
C LYS A 249 21.50 11.45 -2.10
N ARG A 250 20.51 10.83 -1.44
CA ARG A 250 19.34 10.30 -2.13
C ARG A 250 18.43 11.42 -2.63
N ILE A 251 17.80 11.20 -3.79
CA ILE A 251 16.85 12.17 -4.31
C ILE A 251 15.68 12.38 -3.31
N SER A 252 15.17 13.62 -3.20
CA SER A 252 14.02 13.90 -2.32
C SER A 252 12.75 13.43 -3.04
N MET A 253 11.68 13.15 -2.28
CA MET A 253 10.40 12.73 -2.87
C MET A 253 9.84 13.82 -3.80
N LYS A 254 10.00 15.09 -3.40
CA LYS A 254 9.54 16.23 -4.20
C LYS A 254 10.19 16.25 -5.59
N ASN A 255 11.50 15.98 -5.66
CA ASN A 255 12.22 15.94 -6.94
C ASN A 255 11.91 14.69 -7.77
N LEU A 256 11.43 13.63 -7.11
CA LEU A 256 11.05 12.42 -7.82
C LEU A 256 9.75 12.66 -8.59
N LEU A 257 8.84 13.50 -8.04
CA LEU A 257 7.53 13.77 -8.64
C LEU A 257 7.62 14.29 -10.07
N ASN A 258 8.65 15.10 -10.38
CA ASN A 258 8.79 15.69 -11.71
C ASN A 258 10.17 15.36 -12.30
N HIS A 259 10.74 14.24 -11.90
CA HIS A 259 12.05 13.79 -12.40
C HIS A 259 11.97 13.54 -13.93
N PRO A 260 13.00 13.89 -14.74
CA PRO A 260 12.90 13.65 -16.21
C PRO A 260 12.48 12.25 -16.63
N TRP A 261 12.97 11.18 -15.95
CA TRP A 261 12.61 9.80 -16.28
C TRP A 261 11.11 9.59 -15.99
N ILE A 262 10.62 10.14 -14.86
CA ILE A 262 9.21 10.04 -14.43
C ILE A 262 8.28 10.74 -15.44
N MET A 263 8.70 11.89 -15.95
CA MET A 263 7.93 12.73 -16.89
C MET A 263 7.96 12.20 -18.32
N GLN A 264 8.93 11.33 -18.67
CA GLN A 264 9.06 10.81 -20.03
C GLN A 264 7.75 10.16 -20.46
N ASP A 265 7.18 10.62 -21.61
CA ASP A 265 5.89 10.16 -22.18
C ASP A 265 4.65 10.64 -21.43
N TYR A 266 4.81 11.42 -20.35
CA TYR A 266 3.70 11.95 -19.57
C TYR A 266 3.66 13.46 -19.66
N ASN A 267 4.77 14.14 -19.32
CA ASN A 267 4.96 15.61 -19.35
C ASN A 267 4.17 16.37 -18.27
N TYR A 268 3.75 15.65 -17.23
CA TYR A 268 3.11 16.22 -16.06
C TYR A 268 3.62 15.47 -14.85
N PRO A 269 3.89 16.15 -13.72
CA PRO A 269 4.39 15.42 -12.55
C PRO A 269 3.38 14.41 -11.99
N VAL A 270 3.87 13.50 -11.17
CA VAL A 270 3.01 12.49 -10.56
C VAL A 270 1.94 13.17 -9.72
N GLU A 271 0.69 12.75 -9.90
CA GLU A 271 -0.41 13.28 -9.11
C GLU A 271 -0.45 12.46 -7.83
N TRP A 272 0.08 13.02 -6.75
CA TRP A 272 0.22 12.34 -5.46
C TRP A 272 -0.95 12.68 -4.52
N GLN A 273 -1.61 13.85 -4.74
CA GLN A 273 -2.72 14.25 -3.87
C GLN A 273 -3.85 13.24 -3.95
N SER A 274 -4.45 12.97 -2.78
CA SER A 274 -5.54 12.02 -2.69
C SER A 274 -6.78 12.53 -3.39
N LYS A 275 -7.41 11.64 -4.13
CA LYS A 275 -8.69 11.88 -4.81
C LYS A 275 -9.84 11.33 -3.94
N ASN A 276 -9.54 10.75 -2.77
CA ASN A 276 -10.50 10.02 -1.89
C ASN A 276 -10.68 10.79 -0.58
N PRO A 277 -11.75 11.57 -0.46
CA PRO A 277 -11.86 12.48 0.69
C PRO A 277 -12.39 11.95 2.00
N PHE A 278 -12.10 12.72 3.05
CA PHE A 278 -12.64 12.55 4.39
C PHE A 278 -13.80 13.53 4.54
N ILE A 279 -13.67 14.73 3.95
CA ILE A 279 -14.67 15.79 4.13
C ILE A 279 -15.90 15.68 3.25
N HIS A 280 -15.70 15.66 1.94
CA HIS A 280 -16.81 15.58 0.99
C HIS A 280 -17.50 14.23 1.04
N LEU A 281 -18.85 14.24 1.07
CA LEU A 281 -19.63 13.00 1.02
C LEU A 281 -20.40 12.99 -0.29
N ASP A 282 -20.56 11.80 -0.86
CA ASP A 282 -21.27 11.59 -2.10
C ASP A 282 -22.78 11.49 -1.79
N ASP A 283 -23.57 12.42 -2.34
CA ASP A 283 -25.02 12.46 -2.08
C ASP A 283 -25.75 11.15 -2.36
N ASP A 284 -25.43 10.49 -3.50
CA ASP A 284 -26.07 9.22 -3.90
C ASP A 284 -25.81 8.15 -2.84
N CYS A 285 -24.57 8.07 -2.32
CA CYS A 285 -24.21 7.06 -1.31
C CYS A 285 -24.84 7.34 0.04
N VAL A 286 -24.93 8.63 0.43
CA VAL A 286 -25.63 9.00 1.67
C VAL A 286 -27.12 8.59 1.53
N THR A 287 -27.73 8.85 0.35
CA THR A 287 -29.14 8.47 0.12
C THR A 287 -29.33 6.95 0.21
N GLU A 288 -28.46 6.18 -0.48
CA GLU A 288 -28.58 4.72 -0.50
C GLU A 288 -28.43 4.16 0.91
N LEU A 289 -27.44 4.65 1.64
CA LEU A 289 -27.13 4.22 3.00
C LEU A 289 -28.29 4.51 3.98
N SER A 290 -28.92 5.71 3.85
CA SER A 290 -29.97 6.18 4.73
C SER A 290 -31.20 5.29 4.82
N VAL A 291 -31.50 4.48 3.78
CA VAL A 291 -32.66 3.59 3.80
C VAL A 291 -32.49 2.46 4.85
N HIS A 292 -31.26 2.23 5.31
CA HIS A 292 -30.92 1.20 6.30
C HIS A 292 -30.89 1.74 7.72
N HIS A 293 -31.13 3.05 7.89
CA HIS A 293 -31.05 3.73 9.18
C HIS A 293 -32.32 4.55 9.46
N ARG A 294 -32.42 5.12 10.68
CA ARG A 294 -33.60 5.92 11.10
C ARG A 294 -33.18 7.32 11.51
N ASN A 295 -32.33 7.92 10.72
CA ASN A 295 -31.80 9.24 10.97
C ASN A 295 -32.30 10.20 9.93
N ASN A 296 -32.41 11.48 10.31
CA ASN A 296 -32.68 12.55 9.35
C ASN A 296 -31.36 12.70 8.55
N ARG A 297 -31.39 13.35 7.37
CA ARG A 297 -30.20 13.46 6.54
C ARG A 297 -28.99 14.10 7.21
N GLN A 298 -29.20 15.17 7.99
CA GLN A 298 -28.09 15.84 8.67
C GLN A 298 -27.41 14.89 9.69
N THR A 299 -28.21 14.14 10.45
CA THR A 299 -27.74 13.16 11.45
C THR A 299 -26.92 12.07 10.77
N MET A 300 -27.39 11.57 9.63
CA MET A 300 -26.73 10.53 8.84
C MET A 300 -25.36 11.01 8.36
N GLU A 301 -25.30 12.24 7.79
CA GLU A 301 -24.05 12.80 7.28
C GLU A 301 -23.08 13.03 8.42
N ASP A 302 -23.57 13.54 9.58
CA ASP A 302 -22.74 13.79 10.76
C ASP A 302 -22.15 12.48 11.29
N LEU A 303 -22.96 11.40 11.30
CA LEU A 303 -22.48 10.09 11.75
C LEU A 303 -21.40 9.52 10.82
N ILE A 304 -21.61 9.60 9.49
CA ILE A 304 -20.60 9.12 8.51
C ILE A 304 -19.29 9.92 8.71
N SER A 305 -19.41 11.26 8.89
CA SER A 305 -18.26 12.18 9.06
C SER A 305 -17.41 11.94 10.29
N LEU A 306 -17.86 11.08 11.20
CA LEU A 306 -17.07 10.72 12.38
C LEU A 306 -16.01 9.67 12.06
N TRP A 307 -16.18 8.93 10.92
CA TRP A 307 -15.25 7.89 10.46
C TRP A 307 -14.79 6.97 11.60
N GLN A 308 -15.73 6.27 12.24
CA GLN A 308 -15.39 5.38 13.34
C GLN A 308 -14.83 4.02 12.88
N TYR A 309 -14.87 3.73 11.56
CA TYR A 309 -14.45 2.44 10.99
C TYR A 309 -15.28 1.30 11.57
N ASP A 310 -16.58 1.60 11.76
CA ASP A 310 -17.57 0.64 12.21
C ASP A 310 -18.33 0.20 10.95
N HIS A 311 -19.47 -0.49 11.10
CA HIS A 311 -20.22 -0.96 9.94
C HIS A 311 -20.72 0.20 9.06
N LEU A 312 -21.01 1.34 9.66
CA LEU A 312 -21.44 2.52 8.91
C LEU A 312 -20.34 2.99 7.95
N THR A 313 -19.09 3.09 8.44
CA THR A 313 -17.96 3.50 7.58
C THR A 313 -17.86 2.52 6.42
N ALA A 314 -17.91 1.21 6.74
CA ALA A 314 -17.78 0.16 5.73
C ALA A 314 -18.87 0.29 4.67
N THR A 315 -20.12 0.51 5.09
CA THR A 315 -21.24 0.60 4.16
C THR A 315 -21.05 1.80 3.25
N TYR A 316 -20.71 2.95 3.82
CA TYR A 316 -20.52 4.14 3.01
C TYR A 316 -19.43 3.94 1.96
N LEU A 317 -18.24 3.47 2.38
CA LEU A 317 -17.09 3.35 1.45
C LEU A 317 -17.30 2.28 0.39
N LEU A 318 -18.02 1.22 0.74
CA LEU A 318 -18.36 0.15 -0.20
C LEU A 318 -19.40 0.62 -1.20
N LEU A 319 -20.36 1.47 -0.76
CA LEU A 319 -21.31 2.02 -1.72
C LEU A 319 -20.55 2.94 -2.71
N LEU A 320 -19.52 3.65 -2.23
CA LEU A 320 -18.72 4.54 -3.06
C LEU A 320 -17.95 3.72 -4.10
N ALA A 321 -17.40 2.55 -3.68
CA ALA A 321 -16.71 1.59 -4.55
C ALA A 321 -17.69 1.03 -5.59
N LYS A 322 -18.93 0.69 -5.17
CA LYS A 322 -19.96 0.16 -6.05
C LYS A 322 -20.32 1.17 -7.15
N LYS A 323 -20.46 2.46 -6.78
CA LYS A 323 -20.79 3.57 -7.68
C LYS A 323 -19.65 3.81 -8.66
N ALA A 324 -18.40 3.77 -8.18
CA ALA A 324 -17.18 3.94 -8.98
C ALA A 324 -17.10 2.92 -10.12
N ARG A 325 -17.57 1.68 -9.90
CA ARG A 325 -17.58 0.63 -10.93
C ARG A 325 -18.52 1.00 -12.10
N GLY A 326 -19.59 1.74 -11.78
CA GLY A 326 -20.57 2.20 -12.76
C GLY A 326 -21.43 1.10 -13.35
#